data_3V5T
#
_entry.id   3V5T
#
_cell.length_a   48.350
_cell.length_b   72.210
_cell.length_c   67.310
_cell.angle_alpha   90.000
_cell.angle_beta   103.360
_cell.angle_gamma   90.000
#
_symmetry.space_group_name_H-M   'P 1 21 1'
#
loop_
_entity.id
_entity.type
_entity.pdbx_description
1 polymer 'Calmodulin-domain protein kinase 1'
2 non-polymer 1-[(2S)-2-(dimethylamino)-3-methylbutyl]-3-(6-ethoxynaphthalen-2-yl)-1H-pyrazolo[3,4-d]pyrimidin-4-amine
3 water water
#
_entity_poly.entity_id   1
_entity_poly.type   'polypeptide(L)'
_entity_poly.pdbx_seq_one_letter_code
;GPGSMMDHLHATPGMFVQHSTAIFSDRYKGQRVLGKGSFGEVILCKDKITGQECAVKVISKRQVKQKTDKESLLREVQLL
KQLDHPNIMKLYEFFEDKGYFYLVGEVYTGGELFDEIISRKRFSEVDAARIIRQVLSGITYMHKNKIVHRDLKPENLLLE
SKSKDANIRIIDFGLSTHFEASKKMKDKIGTAYYIAPEVLHGTYDEKCDVWSTGVILYILLSGCPPFNGANEYDILKKVE
KGKYTFELPQWKKVSESAKDLIRKMLTYVPSMRISARDALDHEWIQTYTKEQISVDVPSLDNAILNIRQFQGTQKLAQAA
LLYMGSKLTSQDETKELTAIFHKMDKNGDGQLDRAELIEGYKELMRMKGQDASMLDASAVEHEVDQVLDAVDFDKNGYIE
YSEFVTVAMDRKTLLSRERLERAFRMFDSDNSGKISSTELATIFGVSDVDSETWKSVLSEVDKNNDGEVDFDEFQQMLLK
LCGN
;
_entity_poly.pdbx_strand_id   A
#
# COMPACT_ATOMS: atom_id res chain seq x y z
N SER A 20 -7.73 21.12 26.10
CA SER A 20 -8.85 20.21 26.44
C SER A 20 -9.11 19.22 25.30
N THR A 21 -8.86 19.65 24.07
CA THR A 21 -8.93 18.76 22.92
C THR A 21 -7.74 17.79 22.96
N ALA A 22 -8.03 16.49 22.87
CA ALA A 22 -7.05 15.43 23.09
C ALA A 22 -5.93 15.42 22.04
N ILE A 23 -4.71 15.19 22.51
CA ILE A 23 -3.54 15.12 21.64
C ILE A 23 -3.12 13.67 21.52
N PHE A 24 -3.14 13.16 20.29
CA PHE A 24 -2.65 11.84 19.93
C PHE A 24 -1.37 11.42 20.66
N SER A 25 -0.33 12.24 20.61
CA SER A 25 0.96 11.84 21.18
C SER A 25 0.93 11.81 22.71
N ASP A 26 -0.04 12.49 23.32
CA ASP A 26 -0.22 12.40 24.77
C ASP A 26 -0.66 11.00 25.17
N ARG A 27 -1.37 10.31 24.27
CA ARG A 27 -1.91 8.99 24.53
C ARG A 27 -1.06 7.84 23.99
N TYR A 28 -0.45 8.03 22.83
CA TYR A 28 0.17 6.93 22.09
C TYR A 28 1.62 7.21 21.74
N LYS A 29 2.49 6.21 21.91
CA LYS A 29 3.85 6.26 21.34
C LYS A 29 3.97 5.35 20.10
N GLY A 30 4.81 5.77 19.17
CA GLY A 30 5.20 4.98 18.01
C GLY A 30 6.17 3.87 18.39
N GLN A 31 5.89 2.66 17.90
CA GLN A 31 6.77 1.51 18.05
C GLN A 31 7.57 1.38 16.77
N ARG A 32 6.87 1.34 15.63
CA ARG A 32 7.51 1.15 14.34
C ARG A 32 6.57 1.43 13.16
N VAL A 33 7.13 1.73 11.99
CA VAL A 33 6.34 1.96 10.78
C VAL A 33 5.93 0.61 10.17
N LEU A 34 4.69 0.53 9.67
CA LEU A 34 4.17 -0.69 9.04
C LEU A 34 3.96 -0.51 7.53
N GLY A 35 4.23 0.68 7.03
CA GLY A 35 4.26 0.94 5.60
C GLY A 35 3.33 2.07 5.17
N LYS A 36 3.29 2.29 3.86
CA LYS A 36 2.49 3.34 3.28
C LYS A 36 1.21 2.68 2.81
N GLY A 37 0.07 3.22 3.23
CA GLY A 37 -1.22 2.73 2.78
C GLY A 37 -1.85 3.82 1.97
N SER A 38 -3.10 3.62 1.56
CA SER A 38 -3.85 4.66 0.88
C SER A 38 -4.01 5.86 1.81
N PHE A 39 -3.75 7.05 1.29
CA PHE A 39 -3.92 8.34 1.98
C PHE A 39 -2.95 8.64 3.11
N GLY A 40 -2.15 7.67 3.52
CA GLY A 40 -1.10 7.93 4.49
C GLY A 40 -0.35 6.71 4.97
N GLU A 41 0.70 6.99 5.72
CA GLU A 41 1.49 5.97 6.39
C GLU A 41 0.72 5.32 7.54
N VAL A 42 1.08 4.09 7.85
CA VAL A 42 0.54 3.40 9.00
C VAL A 42 1.68 3.11 9.99
N ILE A 43 1.43 3.40 11.25
CA ILE A 43 2.41 3.21 12.29
C ILE A 43 1.83 2.32 13.40
N LEU A 44 2.59 1.32 13.83
CA LEU A 44 2.22 0.53 14.99
C LEU A 44 2.46 1.39 16.24
N CYS A 45 1.38 1.63 17.00
CA CYS A 45 1.46 2.44 18.22
C CYS A 45 0.98 1.70 19.46
N LYS A 46 1.34 2.24 20.61
CA LYS A 46 1.02 1.65 21.87
C LYS A 46 0.50 2.71 22.84
N ASP A 47 -0.64 2.43 23.48
CA ASP A 47 -1.19 3.30 24.50
C ASP A 47 -0.20 3.45 25.66
N LYS A 48 0.10 4.68 26.07
CA LYS A 48 1.10 4.94 27.11
C LYS A 48 0.72 4.43 28.52
N ILE A 49 -0.58 4.34 28.79
CA ILE A 49 -1.12 3.87 30.06
C ILE A 49 -1.51 2.38 30.03
N THR A 50 -2.37 1.99 29.10
CA THR A 50 -2.93 0.64 29.12
C THR A 50 -2.03 -0.38 28.46
N GLY A 51 -1.09 0.08 27.65
CA GLY A 51 -0.19 -0.78 26.91
C GLY A 51 -0.76 -1.36 25.62
N GLN A 52 -2.02 -1.07 25.28
CA GLN A 52 -2.64 -1.70 24.10
C GLN A 52 -2.00 -1.25 22.78
N GLU A 53 -1.72 -2.23 21.91
CA GLU A 53 -1.14 -1.97 20.58
C GLU A 53 -2.22 -1.60 19.56
N CYS A 54 -1.92 -0.62 18.71
CA CYS A 54 -2.86 -0.14 17.70
CA CYS A 54 -2.86 -0.19 17.68
C CYS A 54 -2.14 0.13 16.37
N ALA A 55 -2.89 0.09 15.27
CA ALA A 55 -2.36 0.43 13.95
C ALA A 55 -2.95 1.79 13.57
N VAL A 56 -2.10 2.81 13.57
CA VAL A 56 -2.58 4.17 13.36
C VAL A 56 -2.29 4.59 11.92
N LYS A 57 -3.33 5.01 11.21
CA LYS A 57 -3.14 5.57 9.87
C LYS A 57 -3.11 7.08 10.01
N VAL A 58 -1.97 7.67 9.64
CA VAL A 58 -1.73 9.11 9.80
C VAL A 58 -1.84 9.79 8.43
N ILE A 59 -2.90 10.57 8.25
CA ILE A 59 -3.16 11.24 6.99
C ILE A 59 -2.71 12.68 7.02
N SER A 60 -1.84 13.06 6.09
CA SER A 60 -1.34 14.45 5.98
C SER A 60 -2.36 15.36 5.34
N LYS A 61 -2.73 16.44 6.04
CA LYS A 61 -3.75 17.40 5.53
C LYS A 61 -3.28 18.13 4.29
N ARG A 62 -1.99 18.48 4.25
CA ARG A 62 -1.37 19.11 3.08
C ARG A 62 -1.48 18.23 1.82
N GLN A 63 -1.11 16.97 1.95
CA GLN A 63 -1.07 16.03 0.81
C GLN A 63 -2.42 15.47 0.35
N VAL A 64 -3.49 15.70 1.09
CA VAL A 64 -4.78 15.07 0.76
C VAL A 64 -5.93 16.06 0.92
N LYS A 65 -6.54 16.44 -0.20
CA LYS A 65 -7.76 17.25 -0.18
C LYS A 65 -8.93 16.43 0.36
N GLN A 66 -9.75 17.05 1.21
CA GLN A 66 -10.96 16.45 1.72
C GLN A 66 -12.12 16.71 0.75
N LYS A 67 -13.04 15.75 0.65
CA LYS A 67 -14.20 15.84 -0.23
C LYS A 67 -15.41 16.49 0.45
N THR A 68 -15.47 16.40 1.77
CA THR A 68 -16.61 16.88 2.53
C THR A 68 -16.16 17.89 3.59
N ASP A 69 -17.10 18.40 4.38
CA ASP A 69 -16.75 19.28 5.50
C ASP A 69 -16.42 18.48 6.77
N LYS A 70 -15.83 19.18 7.74
CA LYS A 70 -15.50 18.60 9.04
C LYS A 70 -16.70 17.95 9.72
N GLU A 71 -17.84 18.65 9.76
CA GLU A 71 -19.06 18.05 10.30
C GLU A 71 -19.28 16.63 9.75
N SER A 72 -19.13 16.44 8.44
CA SER A 72 -19.43 15.15 7.79
C SER A 72 -18.37 14.08 8.07
N LEU A 73 -17.11 14.48 8.13
CA LEU A 73 -16.05 13.59 8.53
C LEU A 73 -16.27 13.08 9.97
N LEU A 74 -16.45 14.00 10.92
CA LEU A 74 -16.73 13.64 12.31
C LEU A 74 -17.90 12.65 12.45
N ARG A 75 -18.99 12.89 11.74
CA ARG A 75 -20.19 12.04 11.85
C ARG A 75 -19.92 10.62 11.35
N GLU A 76 -19.14 10.51 10.27
CA GLU A 76 -18.76 9.21 9.70
C GLU A 76 -17.86 8.42 10.64
N VAL A 77 -16.88 9.10 11.22
CA VAL A 77 -16.01 8.50 12.20
C VAL A 77 -16.79 7.94 13.40
N GLN A 78 -17.77 8.70 13.88
CA GLN A 78 -18.58 8.27 15.02
C GLN A 78 -19.36 7.00 14.69
N LEU A 79 -19.92 6.93 13.48
CA LEU A 79 -20.59 5.73 13.02
C LEU A 79 -19.61 4.54 12.98
N LEU A 80 -18.47 4.71 12.30
CA LEU A 80 -17.50 3.61 12.16
C LEU A 80 -16.93 3.12 13.52
N LYS A 81 -16.77 4.00 14.50
CA LYS A 81 -16.40 3.58 15.86
C LYS A 81 -17.36 2.56 16.51
N GLN A 82 -18.64 2.62 16.14
CA GLN A 82 -19.68 1.75 16.69
C GLN A 82 -20.01 0.56 15.81
N LEU A 83 -19.49 0.50 14.60
CA LEU A 83 -19.70 -0.67 13.74
C LEU A 83 -18.80 -1.86 14.17
N ASP A 84 -19.30 -3.08 13.97
CA ASP A 84 -18.63 -4.30 14.40
C ASP A 84 -18.98 -5.45 13.49
N HIS A 85 -17.95 -6.04 12.88
CA HIS A 85 -18.11 -7.19 11.99
C HIS A 85 -16.77 -7.89 11.84
N PRO A 86 -16.75 -9.23 11.90
CA PRO A 86 -15.45 -9.96 11.91
C PRO A 86 -14.54 -9.77 10.66
N ASN A 87 -15.09 -9.33 9.53
CA ASN A 87 -14.33 -9.14 8.31
C ASN A 87 -14.07 -7.65 7.99
N ILE A 88 -14.36 -6.74 8.93
CA ILE A 88 -14.08 -5.30 8.79
C ILE A 88 -13.13 -4.82 9.92
N MET A 89 -12.05 -4.12 9.56
CA MET A 89 -11.11 -3.54 10.55
C MET A 89 -11.88 -2.80 11.61
N LYS A 90 -11.52 -3.03 12.87
CA LYS A 90 -12.10 -2.30 13.99
C LYS A 90 -11.43 -0.95 14.10
N LEU A 91 -12.24 0.12 14.13
CA LEU A 91 -11.76 1.47 14.46
C LEU A 91 -12.07 1.84 15.93
N TYR A 92 -11.04 2.28 16.66
CA TYR A 92 -11.13 2.62 18.08
C TYR A 92 -11.21 4.13 18.33
N GLU A 93 -10.24 4.89 17.82
CA GLU A 93 -10.13 6.34 18.09
C GLU A 93 -9.82 7.18 16.83
N PHE A 94 -10.15 8.48 16.90
CA PHE A 94 -9.86 9.49 15.88
C PHE A 94 -9.26 10.74 16.53
N PHE A 95 -8.08 11.17 16.09
CA PHE A 95 -7.52 12.45 16.53
C PHE A 95 -7.29 13.34 15.32
N GLU A 96 -7.13 14.63 15.60
CA GLU A 96 -6.88 15.63 14.58
C GLU A 96 -6.15 16.81 15.19
N ASP A 97 -5.09 17.26 14.55
CA ASP A 97 -4.42 18.50 14.91
C ASP A 97 -4.33 19.39 13.64
N LYS A 98 -3.29 20.21 13.56
CA LYS A 98 -3.16 21.25 12.53
C LYS A 98 -2.82 20.65 11.16
N GLY A 99 -1.97 19.62 11.15
CA GLY A 99 -1.52 19.03 9.89
C GLY A 99 -1.95 17.61 9.57
N TYR A 100 -2.60 16.92 10.51
CA TYR A 100 -2.84 15.48 10.38
C TYR A 100 -4.17 14.96 10.96
N PHE A 101 -4.65 13.87 10.39
CA PHE A 101 -5.72 13.06 10.95
C PHE A 101 -5.05 11.81 11.46
N TYR A 102 -5.48 11.29 12.60
CA TYR A 102 -4.93 10.03 13.10
C TYR A 102 -6.06 9.05 13.28
N LEU A 103 -6.03 7.96 12.51
CA LEU A 103 -7.09 6.95 12.52
C LEU A 103 -6.57 5.70 13.23
N VAL A 104 -7.08 5.43 14.43
CA VAL A 104 -6.51 4.41 15.30
C VAL A 104 -7.35 3.15 15.27
N GLY A 105 -6.82 2.09 14.65
CA GLY A 105 -7.52 0.82 14.55
C GLY A 105 -6.76 -0.35 15.17
N GLU A 106 -7.35 -1.55 15.06
CA GLU A 106 -6.80 -2.78 15.61
C GLU A 106 -5.66 -3.29 14.73
N VAL A 107 -4.59 -3.80 15.37
CA VAL A 107 -3.45 -4.36 14.63
C VAL A 107 -3.85 -5.76 14.11
N TYR A 108 -3.50 -6.06 12.87
CA TYR A 108 -3.58 -7.41 12.31
C TYR A 108 -2.20 -7.83 11.79
N THR A 109 -1.85 -9.09 12.02
CA THR A 109 -0.48 -9.60 11.81
C THR A 109 -0.36 -10.67 10.72
N GLY A 110 -1.44 -10.91 9.97
CA GLY A 110 -1.46 -11.98 8.97
C GLY A 110 -0.89 -11.57 7.64
N GLY A 111 -0.68 -10.28 7.45
CA GLY A 111 -0.17 -9.76 6.19
C GLY A 111 -1.32 -9.64 5.20
N GLU A 112 -1.01 -9.34 3.95
CA GLU A 112 -2.01 -9.18 2.91
C GLU A 112 -2.41 -10.54 2.40
N LEU A 113 -3.70 -10.71 2.09
CA LEU A 113 -4.19 -11.98 1.61
C LEU A 113 -3.26 -12.63 0.55
N PHE A 114 -2.98 -11.93 -0.55
CA PHE A 114 -2.26 -12.52 -1.69
C PHE A 114 -0.85 -12.98 -1.37
N ASP A 115 -0.17 -12.31 -0.43
CA ASP A 115 1.17 -12.71 0.03
C ASP A 115 1.14 -14.03 0.79
N GLU A 116 -0.03 -14.43 1.28
CA GLU A 116 -0.20 -15.72 1.95
C GLU A 116 -0.63 -16.74 0.92
N ILE A 117 -1.39 -16.33 -0.08
CA ILE A 117 -1.84 -17.26 -1.13
C ILE A 117 -0.69 -17.72 -2.03
N ILE A 118 0.31 -16.88 -2.26
CA ILE A 118 1.40 -17.27 -3.14
C ILE A 118 2.23 -18.41 -2.51
N SER A 119 2.32 -18.42 -1.17
CA SER A 119 3.08 -19.45 -0.44
C SER A 119 2.21 -20.64 -0.01
N ARG A 120 1.64 -21.34 -0.98
CA ARG A 120 0.77 -22.49 -0.72
C ARG A 120 0.98 -23.53 -1.81
N LYS A 121 0.90 -24.80 -1.44
CA LYS A 121 1.01 -25.89 -2.40
C LYS A 121 -0.27 -25.99 -3.22
N ARG A 122 -1.41 -26.08 -2.54
CA ARG A 122 -2.72 -26.21 -3.21
C ARG A 122 -3.63 -25.02 -2.95
N PHE A 123 -4.57 -24.81 -3.88
CA PHE A 123 -5.59 -23.77 -3.78
C PHE A 123 -6.71 -24.16 -4.72
N SER A 124 -7.91 -24.34 -4.18
CA SER A 124 -9.06 -24.80 -4.95
C SER A 124 -10.18 -23.77 -4.89
N GLU A 125 -11.24 -24.01 -5.65
CA GLU A 125 -12.44 -23.21 -5.58
C GLU A 125 -13.03 -23.14 -4.17
N VAL A 126 -12.83 -24.18 -3.37
CA VAL A 126 -13.28 -24.17 -1.96
C VAL A 126 -12.51 -23.13 -1.16
N ASP A 127 -11.22 -22.98 -1.41
CA ASP A 127 -10.41 -21.92 -0.81
C ASP A 127 -10.87 -20.54 -1.28
N ALA A 128 -11.23 -20.42 -2.57
CA ALA A 128 -11.60 -19.12 -3.13
C ALA A 128 -12.94 -18.68 -2.56
N ALA A 129 -13.85 -19.65 -2.42
CA ALA A 129 -15.23 -19.39 -2.01
C ALA A 129 -15.29 -18.97 -0.57
N ARG A 130 -14.39 -19.53 0.24
CA ARG A 130 -14.33 -19.17 1.64
C ARG A 130 -13.82 -17.74 1.81
N ILE A 131 -12.85 -17.35 0.98
CA ILE A 131 -12.30 -16.00 0.99
C ILE A 131 -13.31 -14.99 0.48
N ILE A 132 -13.91 -15.29 -0.67
CA ILE A 132 -14.91 -14.39 -1.23
C ILE A 132 -16.14 -14.29 -0.31
N ARG A 133 -16.52 -15.37 0.36
CA ARG A 133 -17.66 -15.30 1.30
C ARG A 133 -17.38 -14.32 2.44
N GLN A 134 -16.14 -14.29 2.92
CA GLN A 134 -15.73 -13.38 3.97
C GLN A 134 -15.80 -11.94 3.46
N VAL A 135 -15.33 -11.72 2.23
CA VAL A 135 -15.31 -10.38 1.65
C VAL A 135 -16.74 -9.87 1.41
N LEU A 136 -17.59 -10.70 0.83
CA LEU A 136 -18.98 -10.32 0.62
C LEU A 136 -19.72 -10.07 1.93
N SER A 137 -19.30 -10.78 2.98
CA SER A 137 -19.97 -10.69 4.27
C SER A 137 -19.67 -9.31 4.88
N GLY A 138 -18.39 -8.92 4.87
CA GLY A 138 -17.96 -7.62 5.36
C GLY A 138 -18.57 -6.49 4.54
N ILE A 139 -18.74 -6.74 3.23
CA ILE A 139 -19.23 -5.71 2.33
C ILE A 139 -20.72 -5.50 2.50
N THR A 140 -21.46 -6.60 2.50
CA THR A 140 -22.88 -6.58 2.82
C THR A 140 -23.16 -5.77 4.08
N TYR A 141 -22.46 -6.08 5.15
CA TYR A 141 -22.67 -5.37 6.40
C TYR A 141 -22.48 -3.86 6.26
N MET A 142 -21.53 -3.44 5.45
CA MET A 142 -21.18 -2.02 5.43
C MET A 142 -22.18 -1.29 4.54
N HIS A 143 -22.71 -2.00 3.52
CA HIS A 143 -23.68 -1.43 2.61
C HIS A 143 -24.99 -1.18 3.33
N LYS A 144 -25.37 -2.11 4.21
CA LYS A 144 -26.49 -1.90 5.15
C LYS A 144 -26.35 -0.60 5.93
N ASN A 145 -25.12 -0.25 6.26
CA ASN A 145 -24.82 0.98 6.98
C ASN A 145 -24.47 2.13 6.04
N LYS A 146 -24.81 1.97 4.75
CA LYS A 146 -24.58 2.98 3.72
C LYS A 146 -23.12 3.51 3.65
N ILE A 147 -22.14 2.62 3.84
CA ILE A 147 -20.73 2.97 3.66
C ILE A 147 -20.22 2.21 2.45
N VAL A 148 -19.75 2.94 1.44
CA VAL A 148 -19.17 2.37 0.23
C VAL A 148 -17.62 2.44 0.26
N HIS A 149 -16.93 1.40 -0.21
CA HIS A 149 -15.46 1.41 -0.26
C HIS A 149 -14.93 2.20 -1.43
N ARG A 150 -15.35 1.83 -2.64
CA ARG A 150 -14.87 2.43 -3.90
C ARG A 150 -13.52 1.87 -4.40
N ASP A 151 -12.57 1.65 -3.49
CA ASP A 151 -11.20 1.28 -3.82
C ASP A 151 -10.85 -0.14 -3.40
N LEU A 152 -11.82 -1.04 -3.38
CA LEU A 152 -11.59 -2.41 -2.90
C LEU A 152 -10.55 -3.08 -3.78
N LYS A 153 -9.49 -3.60 -3.16
CA LYS A 153 -8.45 -4.34 -3.89
C LYS A 153 -7.68 -5.28 -2.95
N PRO A 154 -6.89 -6.23 -3.50
CA PRO A 154 -6.26 -7.25 -2.65
C PRO A 154 -5.40 -6.74 -1.49
N GLU A 155 -4.76 -5.58 -1.64
CA GLU A 155 -3.93 -5.08 -0.54
C GLU A 155 -4.80 -4.46 0.55
N ASN A 156 -6.10 -4.29 0.30
CA ASN A 156 -7.07 -3.91 1.34
C ASN A 156 -7.70 -5.11 2.07
N LEU A 157 -7.26 -6.33 1.74
CA LEU A 157 -7.64 -7.55 2.44
C LEU A 157 -6.48 -8.08 3.26
N LEU A 158 -6.53 -7.83 4.58
CA LEU A 158 -5.51 -8.34 5.52
C LEU A 158 -5.98 -9.62 6.21
N LEU A 159 -5.05 -10.48 6.60
CA LEU A 159 -5.42 -11.63 7.40
C LEU A 159 -5.22 -11.27 8.87
N GLU A 160 -6.15 -11.69 9.70
CA GLU A 160 -6.20 -11.25 11.10
C GLU A 160 -4.99 -11.67 11.90
N SER A 161 -4.46 -12.86 11.59
CA SER A 161 -3.27 -13.38 12.24
C SER A 161 -2.47 -14.28 11.31
N LYS A 162 -1.33 -14.75 11.79
CA LYS A 162 -0.51 -15.72 11.05
C LYS A 162 -1.10 -17.15 11.05
N SER A 163 -2.20 -17.36 11.78
CA SER A 163 -2.90 -18.65 11.79
C SER A 163 -3.49 -18.99 10.43
N LYS A 164 -3.54 -20.28 10.10
CA LYS A 164 -3.91 -20.74 8.74
C LYS A 164 -5.41 -20.66 8.45
N ASP A 165 -6.20 -20.56 9.51
CA ASP A 165 -7.67 -20.49 9.39
C ASP A 165 -8.17 -19.04 9.54
N ALA A 166 -7.26 -18.07 9.35
CA ALA A 166 -7.48 -16.70 9.84
C ALA A 166 -8.52 -15.91 9.03
N ASN A 167 -9.32 -15.13 9.74
CA ASN A 167 -10.28 -14.26 9.10
C ASN A 167 -9.61 -13.12 8.32
N ILE A 168 -10.28 -12.72 7.24
CA ILE A 168 -9.89 -11.58 6.41
C ILE A 168 -10.48 -10.34 7.06
N ARG A 169 -9.69 -9.29 7.21
CA ARG A 169 -10.19 -8.02 7.67
C ARG A 169 -10.06 -7.02 6.53
N ILE A 170 -11.17 -6.43 6.07
CA ILE A 170 -11.09 -5.44 4.99
C ILE A 170 -10.68 -4.10 5.58
N ILE A 171 -9.67 -3.46 4.99
CA ILE A 171 -9.27 -2.13 5.43
C ILE A 171 -9.72 -1.06 4.44
N ASP A 172 -9.92 0.12 5.00
CA ASP A 172 -10.11 1.40 4.30
C ASP A 172 -11.55 1.83 3.96
N PHE A 173 -12.53 1.09 4.43
CA PHE A 173 -13.92 1.56 4.36
C PHE A 173 -14.01 2.93 5.04
N GLY A 174 -14.61 3.89 4.34
CA GLY A 174 -14.86 5.20 4.90
C GLY A 174 -14.01 6.28 4.27
N LEU A 175 -12.77 5.95 3.91
CA LEU A 175 -11.83 6.95 3.46
C LEU A 175 -12.18 7.65 2.15
N SER A 176 -12.48 6.85 1.12
CA SER A 176 -12.69 7.35 -0.23
C SER A 176 -13.80 8.41 -0.30
N THR A 177 -14.81 8.24 0.56
CA THR A 177 -15.94 9.16 0.66
C THR A 177 -15.49 10.56 1.05
N HIS A 178 -14.45 10.63 1.87
CA HIS A 178 -14.02 11.89 2.47
C HIS A 178 -12.75 12.45 1.94
N PHE A 179 -11.96 11.65 1.25
CA PHE A 179 -10.66 12.10 0.77
C PHE A 179 -10.48 11.83 -0.70
N GLU A 180 -9.81 12.74 -1.39
CA GLU A 180 -9.57 12.61 -2.83
C GLU A 180 -8.39 11.65 -3.05
N ALA A 181 -8.61 10.70 -3.96
CA ALA A 181 -7.61 9.73 -4.40
C ALA A 181 -6.40 10.47 -4.98
N SER A 182 -5.20 9.94 -4.74
CA SER A 182 -4.00 10.54 -5.28
C SER A 182 -3.88 10.26 -6.77
N LYS A 183 -3.29 11.21 -7.49
CA LYS A 183 -2.95 11.06 -8.90
C LYS A 183 -1.45 10.89 -9.10
N LYS A 184 -0.72 10.74 -8.00
CA LYS A 184 0.68 10.41 -8.02
C LYS A 184 0.77 8.90 -8.20
N MET A 185 1.74 8.44 -8.98
CA MET A 185 1.77 7.03 -9.39
C MET A 185 2.18 6.08 -8.27
N LYS A 186 3.11 6.52 -7.43
CA LYS A 186 3.45 5.76 -6.22
C LYS A 186 2.18 5.30 -5.51
N ASP A 187 1.25 6.22 -5.30
CA ASP A 187 -0.02 5.90 -4.62
C ASP A 187 -1.02 5.17 -5.54
N LYS A 188 -0.95 5.41 -6.85
CA LYS A 188 -1.95 4.90 -7.80
C LYS A 188 -1.72 3.44 -8.25
N ILE A 189 -0.47 2.96 -8.27
CA ILE A 189 -0.17 1.59 -8.74
C ILE A 189 -1.11 0.51 -8.19
N GLY A 190 -1.63 -0.31 -9.10
CA GLY A 190 -2.42 -1.47 -8.73
C GLY A 190 -3.92 -1.23 -8.65
N THR A 191 -4.35 0.00 -8.89
CA THR A 191 -5.74 0.41 -8.65
C THR A 191 -6.66 0.21 -9.87
N ALA A 192 -6.12 0.46 -11.06
CA ALA A 192 -6.89 0.41 -12.30
C ALA A 192 -7.56 -0.93 -12.59
N TYR A 193 -6.95 -2.04 -12.16
CA TYR A 193 -7.54 -3.38 -12.40
C TYR A 193 -8.92 -3.52 -11.76
N TYR A 194 -9.13 -2.83 -10.64
CA TYR A 194 -10.22 -3.11 -9.71
C TYR A 194 -11.39 -2.12 -9.70
N ILE A 195 -11.16 -0.91 -10.21
CA ILE A 195 -12.14 0.16 -10.19
C ILE A 195 -13.27 -0.17 -11.14
N ALA A 196 -14.52 -0.01 -10.67
CA ALA A 196 -15.73 -0.20 -11.52
C ALA A 196 -15.86 0.91 -12.58
N PRO A 197 -16.44 0.56 -13.75
CA PRO A 197 -16.55 1.56 -14.82
C PRO A 197 -17.25 2.81 -14.39
N GLU A 198 -18.35 2.67 -13.66
CA GLU A 198 -19.15 3.81 -13.25
C GLU A 198 -18.40 4.74 -12.29
N VAL A 199 -17.36 4.25 -11.60
CA VAL A 199 -16.54 5.18 -10.79
C VAL A 199 -15.79 6.12 -11.75
N LEU A 200 -15.21 5.58 -12.81
CA LEU A 200 -14.50 6.40 -13.79
C LEU A 200 -15.34 7.59 -14.27
N HIS A 201 -16.62 7.33 -14.52
CA HIS A 201 -17.52 8.32 -15.07
C HIS A 201 -18.24 9.16 -14.02
N GLY A 202 -18.05 8.89 -12.73
CA GLY A 202 -18.57 9.77 -11.67
C GLY A 202 -19.91 9.44 -11.00
N THR A 203 -20.79 8.67 -11.64
CA THR A 203 -22.04 8.23 -10.99
C THR A 203 -21.92 6.79 -10.44
N TYR A 204 -21.53 6.66 -9.16
CA TYR A 204 -21.41 5.36 -8.51
C TYR A 204 -22.13 5.25 -7.16
N ASP A 205 -22.40 4.00 -6.76
CA ASP A 205 -23.03 3.68 -5.51
C ASP A 205 -22.45 2.35 -5.06
N GLU A 206 -23.07 1.72 -4.09
CA GLU A 206 -22.52 0.52 -3.46
C GLU A 206 -22.22 -0.64 -4.40
N LYS A 207 -22.89 -0.73 -5.54
CA LYS A 207 -22.59 -1.81 -6.49
C LYS A 207 -21.14 -1.85 -7.00
N CYS A 208 -20.43 -0.71 -6.96
CA CYS A 208 -19.05 -0.68 -7.45
C CYS A 208 -18.17 -1.66 -6.68
N ASP A 209 -18.48 -1.84 -5.38
CA ASP A 209 -17.78 -2.80 -4.51
C ASP A 209 -18.01 -4.27 -4.93
N VAL A 210 -19.20 -4.59 -5.44
CA VAL A 210 -19.41 -5.92 -6.03
C VAL A 210 -18.49 -6.06 -7.26
N TRP A 211 -18.36 -5.00 -8.07
CA TRP A 211 -17.52 -5.08 -9.27
C TRP A 211 -16.10 -5.43 -8.92
N SER A 212 -15.53 -4.71 -7.95
CA SER A 212 -14.16 -4.93 -7.55
C SER A 212 -13.96 -6.32 -7.00
N THR A 213 -14.95 -6.79 -6.24
CA THR A 213 -14.89 -8.12 -5.64
C THR A 213 -14.90 -9.18 -6.74
N GLY A 214 -15.75 -8.99 -7.74
CA GLY A 214 -15.72 -9.79 -8.98
C GLY A 214 -14.35 -9.86 -9.65
N VAL A 215 -13.62 -8.74 -9.69
CA VAL A 215 -12.29 -8.74 -10.32
C VAL A 215 -11.33 -9.58 -9.49
N ILE A 216 -11.44 -9.50 -8.17
CA ILE A 216 -10.53 -10.20 -7.27
C ILE A 216 -10.77 -11.70 -7.38
N LEU A 217 -12.04 -12.10 -7.44
CA LEU A 217 -12.43 -13.51 -7.66
C LEU A 217 -11.93 -14.04 -8.99
N TYR A 218 -12.09 -13.25 -10.05
CA TYR A 218 -11.53 -13.63 -11.35
C TYR A 218 -10.06 -13.93 -11.21
N ILE A 219 -9.38 -13.07 -10.46
CA ILE A 219 -7.96 -13.20 -10.30
C ILE A 219 -7.65 -14.44 -9.45
N LEU A 220 -8.42 -14.70 -8.41
CA LEU A 220 -8.14 -15.88 -7.55
C LEU A 220 -8.28 -17.21 -8.34
N LEU A 221 -9.17 -17.27 -9.32
CA LEU A 221 -9.47 -18.52 -10.03
C LEU A 221 -8.71 -18.70 -11.35
N SER A 222 -7.98 -17.67 -11.79
CA SER A 222 -7.20 -17.76 -13.04
C SER A 222 -5.80 -17.22 -12.91
N GLY A 223 -5.55 -16.37 -11.90
CA GLY A 223 -4.27 -15.69 -11.74
C GLY A 223 -4.01 -14.47 -12.60
N CYS A 224 -4.96 -14.08 -13.45
CA CYS A 224 -4.80 -12.88 -14.29
C CYS A 224 -5.94 -11.87 -14.12
N PRO A 225 -5.62 -10.57 -14.17
CA PRO A 225 -6.68 -9.56 -14.16
C PRO A 225 -7.59 -9.73 -15.36
N PRO A 226 -8.92 -9.62 -15.20
CA PRO A 226 -9.82 -9.71 -16.38
C PRO A 226 -9.65 -8.53 -17.33
N PHE A 227 -9.25 -7.38 -16.81
CA PHE A 227 -9.01 -6.22 -17.66
C PHE A 227 -7.57 -5.85 -17.47
N ASN A 228 -6.81 -5.95 -18.56
CA ASN A 228 -5.35 -5.82 -18.51
C ASN A 228 -4.88 -4.96 -19.65
N GLY A 229 -3.64 -4.50 -19.54
CA GLY A 229 -3.05 -3.62 -20.52
C GLY A 229 -1.60 -3.28 -20.16
N ALA A 230 -0.97 -2.46 -20.99
CA ALA A 230 0.48 -2.27 -20.95
C ALA A 230 0.84 -1.15 -20.00
N ASN A 231 -0.16 -0.38 -19.61
CA ASN A 231 0.01 0.74 -18.70
C ASN A 231 -1.36 1.06 -18.11
N GLU A 232 -1.40 1.99 -17.16
CA GLU A 232 -2.63 2.31 -16.46
C GLU A 232 -3.77 2.69 -17.41
N TYR A 233 -3.51 3.57 -18.38
CA TYR A 233 -4.59 4.08 -19.19
C TYR A 233 -5.16 3.00 -20.11
N ASP A 234 -4.33 2.04 -20.50
CA ASP A 234 -4.83 0.93 -21.33
C ASP A 234 -5.71 -0.04 -20.51
N ILE A 235 -5.42 -0.18 -19.22
CA ILE A 235 -6.25 -0.95 -18.31
C ILE A 235 -7.59 -0.23 -18.14
N LEU A 236 -7.52 1.08 -17.87
CA LEU A 236 -8.72 1.90 -17.74
C LEU A 236 -9.61 1.80 -18.97
N LYS A 237 -9.02 1.79 -20.16
CA LYS A 237 -9.79 1.62 -21.41
C LYS A 237 -10.53 0.28 -21.52
N LYS A 238 -9.88 -0.79 -21.08
CA LYS A 238 -10.49 -2.11 -21.05
C LYS A 238 -11.65 -2.15 -20.08
N VAL A 239 -11.41 -1.64 -18.86
CA VAL A 239 -12.44 -1.53 -17.83
C VAL A 239 -13.66 -0.79 -18.38
N GLU A 240 -13.40 0.35 -19.02
CA GLU A 240 -14.50 1.20 -19.44
C GLU A 240 -15.35 0.52 -20.52
N LYS A 241 -14.74 -0.25 -21.41
CA LYS A 241 -15.52 -1.00 -22.41
C LYS A 241 -16.18 -2.25 -21.80
N GLY A 242 -15.62 -2.72 -20.69
CA GLY A 242 -16.28 -3.72 -19.87
C GLY A 242 -16.28 -5.14 -20.38
N LYS A 243 -15.48 -5.41 -21.42
CA LYS A 243 -15.47 -6.73 -22.05
C LYS A 243 -14.37 -7.57 -21.43
N TYR A 244 -14.67 -8.85 -21.24
CA TYR A 244 -13.70 -9.78 -20.67
C TYR A 244 -14.11 -11.16 -21.15
N THR A 245 -13.20 -12.12 -21.04
CA THR A 245 -13.51 -13.48 -21.47
C THR A 245 -12.99 -14.49 -20.46
N PHE A 246 -13.57 -15.67 -20.55
CA PHE A 246 -13.12 -16.82 -19.79
C PHE A 246 -12.42 -17.82 -20.73
N GLU A 247 -11.87 -17.34 -21.85
CA GLU A 247 -11.36 -18.23 -22.90
C GLU A 247 -9.96 -18.79 -22.64
N LEU A 248 -9.30 -18.32 -21.59
CA LEU A 248 -7.96 -18.83 -21.25
C LEU A 248 -7.99 -20.31 -20.88
N PRO A 249 -6.81 -20.98 -20.86
CA PRO A 249 -6.73 -22.40 -20.54
C PRO A 249 -7.20 -22.77 -19.13
N GLN A 250 -6.83 -21.98 -18.13
CA GLN A 250 -7.17 -22.30 -16.74
C GLN A 250 -8.67 -22.27 -16.43
N TRP A 251 -9.45 -21.51 -17.22
CA TRP A 251 -10.90 -21.52 -17.06
C TRP A 251 -11.56 -22.84 -17.37
N LYS A 252 -10.83 -23.77 -17.97
CA LYS A 252 -11.33 -25.14 -18.18
C LYS A 252 -11.38 -25.93 -16.86
N LYS A 253 -10.50 -25.59 -15.91
CA LYS A 253 -10.49 -26.23 -14.58
C LYS A 253 -11.47 -25.62 -13.52
N VAL A 254 -12.47 -24.86 -13.97
CA VAL A 254 -13.31 -24.09 -13.06
C VAL A 254 -14.80 -24.36 -13.28
N SER A 255 -15.56 -24.45 -12.20
CA SER A 255 -16.98 -24.74 -12.30
C SER A 255 -17.75 -23.68 -13.07
N GLU A 256 -18.83 -24.09 -13.73
CA GLU A 256 -19.72 -23.16 -14.40
C GLU A 256 -20.29 -22.13 -13.42
N SER A 257 -20.70 -22.58 -12.24
CA SER A 257 -21.32 -21.69 -11.27
C SER A 257 -20.40 -20.51 -10.90
N ALA A 258 -19.09 -20.76 -10.72
CA ALA A 258 -18.13 -19.68 -10.46
C ALA A 258 -18.14 -18.60 -11.56
N LYS A 259 -18.20 -19.03 -12.83
CA LYS A 259 -18.13 -18.08 -13.92
C LYS A 259 -19.43 -17.28 -13.99
N ASP A 260 -20.54 -17.90 -13.61
CA ASP A 260 -21.87 -17.28 -13.60
C ASP A 260 -21.95 -16.15 -12.57
N LEU A 261 -21.40 -16.41 -11.41
CA LEU A 261 -21.32 -15.38 -10.37
C LEU A 261 -20.48 -14.21 -10.91
N ILE A 262 -19.29 -14.53 -11.38
CA ILE A 262 -18.41 -13.50 -11.91
C ILE A 262 -19.16 -12.67 -12.98
N ARG A 263 -19.84 -13.35 -13.90
CA ARG A 263 -20.60 -12.63 -14.89
C ARG A 263 -21.55 -11.67 -14.23
N LYS A 264 -22.22 -12.12 -13.18
CA LYS A 264 -23.21 -11.30 -12.49
C LYS A 264 -22.56 -10.13 -11.75
N MET A 265 -21.38 -10.36 -11.19
CA MET A 265 -20.65 -9.33 -10.47
C MET A 265 -19.99 -8.32 -11.43
N LEU A 266 -19.61 -8.76 -12.63
CA LEU A 266 -19.01 -7.88 -13.61
C LEU A 266 -20.03 -7.47 -14.68
N THR A 267 -21.31 -7.42 -14.29
CA THR A 267 -22.36 -6.82 -15.10
C THR A 267 -22.13 -5.28 -15.17
N TYR A 268 -22.20 -4.73 -16.38
CA TYR A 268 -21.79 -3.34 -16.64
C TYR A 268 -22.67 -2.31 -15.95
N VAL A 269 -23.98 -2.40 -16.20
CA VAL A 269 -24.95 -1.42 -15.73
C VAL A 269 -25.22 -1.76 -14.28
N PRO A 270 -24.86 -0.85 -13.35
CA PRO A 270 -24.91 -1.19 -11.92
C PRO A 270 -26.25 -1.69 -11.38
N SER A 271 -27.37 -1.13 -11.82
CA SER A 271 -28.69 -1.61 -11.36
C SER A 271 -29.01 -3.07 -11.78
N MET A 272 -28.32 -3.59 -12.79
CA MET A 272 -28.47 -5.00 -13.13
CA MET A 272 -28.44 -4.99 -13.18
C MET A 272 -27.41 -5.87 -12.44
N ARG A 273 -26.43 -5.26 -11.81
CA ARG A 273 -25.38 -6.02 -11.14
C ARG A 273 -25.92 -6.69 -9.88
N ILE A 274 -25.38 -7.85 -9.54
CA ILE A 274 -25.79 -8.55 -8.32
C ILE A 274 -25.37 -7.72 -7.12
N SER A 275 -26.19 -7.73 -6.07
CA SER A 275 -25.81 -7.08 -4.81
C SER A 275 -24.83 -7.95 -3.99
N ALA A 276 -24.22 -7.37 -2.95
CA ALA A 276 -23.32 -8.14 -2.11
C ALA A 276 -24.09 -9.27 -1.43
N ARG A 277 -25.31 -8.98 -0.99
CA ARG A 277 -26.10 -9.87 -0.18
C ARG A 277 -26.58 -11.04 -1.01
N ASP A 278 -27.10 -10.74 -2.21
CA ASP A 278 -27.56 -11.80 -3.13
C ASP A 278 -26.43 -12.68 -3.66
N ALA A 279 -25.20 -12.15 -3.67
CA ALA A 279 -24.04 -12.91 -4.07
C ALA A 279 -23.74 -13.98 -3.03
N LEU A 280 -23.86 -13.63 -1.74
CA LEU A 280 -23.79 -14.63 -0.66
C LEU A 280 -24.74 -15.82 -0.79
N ASP A 281 -25.91 -15.64 -1.40
CA ASP A 281 -26.84 -16.77 -1.66
C ASP A 281 -26.64 -17.47 -3.02
N HIS A 282 -25.59 -17.13 -3.73
CA HIS A 282 -25.31 -17.74 -5.03
C HIS A 282 -24.92 -19.19 -4.90
N GLU A 283 -25.39 -19.99 -5.86
CA GLU A 283 -25.07 -21.42 -5.96
C GLU A 283 -23.61 -21.72 -5.68
N TRP A 284 -22.72 -20.96 -6.30
CA TRP A 284 -21.29 -21.17 -6.14
C TRP A 284 -20.82 -21.01 -4.72
N ILE A 285 -21.24 -19.94 -4.04
CA ILE A 285 -20.85 -19.73 -2.63
C ILE A 285 -21.49 -20.79 -1.72
N GLN A 286 -22.77 -21.08 -1.96
CA GLN A 286 -23.49 -22.09 -1.17
C GLN A 286 -22.80 -23.45 -1.27
N THR A 287 -22.64 -23.94 -2.49
CA THR A 287 -22.00 -25.22 -2.76
C THR A 287 -20.58 -25.35 -2.18
N TYR A 288 -19.74 -24.36 -2.45
CA TYR A 288 -18.31 -24.51 -2.20
C TYR A 288 -17.80 -24.02 -0.84
N THR A 289 -18.67 -23.44 -0.01
CA THR A 289 -18.28 -23.12 1.37
C THR A 289 -19.01 -24.02 2.37
N LYS A 290 -18.97 -25.33 2.10
CA LYS A 290 -19.66 -26.35 2.88
C LYS A 290 -18.64 -27.41 3.28
N ASP A 296 -13.23 -33.59 -2.72
CA ASP A 296 -13.19 -33.96 -4.14
C ASP A 296 -13.11 -32.74 -5.06
N VAL A 297 -12.32 -31.74 -4.66
CA VAL A 297 -12.09 -30.57 -5.52
C VAL A 297 -10.61 -30.43 -5.88
N PRO A 298 -10.31 -30.42 -7.20
CA PRO A 298 -8.93 -30.39 -7.64
C PRO A 298 -8.28 -29.06 -7.29
N SER A 299 -6.97 -29.09 -7.08
CA SER A 299 -6.22 -27.89 -6.83
C SER A 299 -6.11 -27.08 -8.11
N LEU A 300 -5.89 -25.78 -7.97
CA LEU A 300 -5.73 -24.89 -9.10
C LEU A 300 -4.26 -24.49 -9.18
N ASP A 301 -3.45 -25.40 -9.69
CA ASP A 301 -2.00 -25.20 -9.77
C ASP A 301 -1.66 -24.08 -10.76
N ASN A 302 -2.42 -24.04 -11.86
CA ASN A 302 -2.18 -23.05 -12.91
C ASN A 302 -2.51 -21.62 -12.43
N ALA A 303 -3.45 -21.49 -11.49
CA ALA A 303 -3.75 -20.18 -10.91
C ALA A 303 -2.73 -19.73 -9.83
N ILE A 304 -2.22 -20.66 -9.02
CA ILE A 304 -1.17 -20.32 -8.04
C ILE A 304 0.10 -19.76 -8.69
N LEU A 305 0.47 -20.30 -9.85
CA LEU A 305 1.66 -19.85 -10.59
C LEU A 305 1.48 -18.45 -11.13
N ASN A 306 0.33 -18.18 -11.75
CA ASN A 306 0.04 -16.85 -12.30
C ASN A 306 -0.16 -15.77 -11.23
N ILE A 307 -0.75 -16.12 -10.10
CA ILE A 307 -0.92 -15.16 -9.00
C ILE A 307 0.44 -14.87 -8.38
N ARG A 308 1.28 -15.91 -8.25
CA ARG A 308 2.65 -15.73 -7.77
C ARG A 308 3.42 -14.79 -8.68
N GLN A 309 3.27 -14.95 -10.00
CA GLN A 309 3.88 -14.06 -10.97
C GLN A 309 3.30 -12.65 -10.89
N PHE A 310 1.97 -12.57 -10.78
CA PHE A 310 1.25 -11.30 -10.74
C PHE A 310 1.67 -10.49 -9.52
N GLN A 311 1.65 -11.14 -8.35
CA GLN A 311 2.04 -10.49 -7.11
C GLN A 311 3.47 -10.00 -7.15
N GLY A 312 4.37 -10.84 -7.67
CA GLY A 312 5.79 -10.52 -7.71
C GLY A 312 6.05 -9.26 -8.52
N THR A 313 5.38 -9.19 -9.67
CA THR A 313 5.48 -8.06 -10.58
C THR A 313 4.92 -6.79 -9.97
N GLN A 314 3.76 -6.89 -9.32
CA GLN A 314 3.13 -5.75 -8.66
C GLN A 314 4.01 -5.25 -7.55
N LYS A 315 4.54 -6.18 -6.75
CA LYS A 315 5.33 -5.79 -5.59
C LYS A 315 6.67 -5.11 -5.94
N LEU A 316 7.29 -5.51 -7.04
CA LEU A 316 8.57 -4.91 -7.47
C LEU A 316 8.37 -3.51 -8.10
N ALA A 317 7.29 -3.31 -8.85
CA ALA A 317 6.97 -1.96 -9.36
C ALA A 317 6.72 -0.96 -8.22
N GLN A 318 6.04 -1.39 -7.17
CA GLN A 318 5.84 -0.56 -5.98
C GLN A 318 7.16 -0.18 -5.36
N ALA A 319 7.97 -1.19 -5.09
CA ALA A 319 9.29 -0.98 -4.52
C ALA A 319 10.16 -0.12 -5.41
N ALA A 320 10.03 -0.26 -6.73
CA ALA A 320 10.73 0.61 -7.66
C ALA A 320 10.32 2.07 -7.47
N LEU A 321 9.02 2.30 -7.37
CA LEU A 321 8.48 3.65 -7.17
C LEU A 321 8.80 4.26 -5.81
N LEU A 322 8.78 3.44 -4.77
CA LEU A 322 9.04 3.91 -3.40
C LEU A 322 10.51 4.22 -3.21
N TYR A 323 11.36 3.47 -3.90
CA TYR A 323 12.79 3.69 -3.89
C TYR A 323 13.16 4.99 -4.59
N MET A 324 12.53 5.24 -5.72
CA MET A 324 12.72 6.49 -6.45
C MET A 324 12.25 7.68 -5.61
N GLY A 325 11.10 7.52 -4.95
CA GLY A 325 10.52 8.51 -4.07
C GLY A 325 11.38 8.86 -2.86
N SER A 326 11.90 7.84 -2.16
CA SER A 326 12.73 8.09 -0.96
C SER A 326 14.10 8.67 -1.32
N LYS A 327 14.57 8.41 -2.54
CA LYS A 327 15.75 9.07 -3.06
C LYS A 327 15.46 10.56 -3.30
N LEU A 328 14.28 10.86 -3.86
CA LEU A 328 13.86 12.27 -4.01
C LEU A 328 13.68 12.97 -2.64
N THR A 329 13.03 12.30 -1.70
CA THR A 329 12.90 12.83 -0.33
C THR A 329 14.25 13.07 0.30
N SER A 330 15.18 12.13 0.16
CA SER A 330 16.55 12.30 0.69
C SER A 330 17.27 13.52 0.13
N GLN A 331 17.19 13.74 -1.18
CA GLN A 331 17.80 14.93 -1.78
C GLN A 331 17.27 16.20 -1.13
N ASP A 332 15.96 16.23 -0.95
CA ASP A 332 15.23 17.36 -0.37
C ASP A 332 15.65 17.56 1.09
N GLU A 333 15.56 16.48 1.88
CA GLU A 333 15.84 16.55 3.33
C GLU A 333 17.32 16.75 3.69
N THR A 334 18.23 16.23 2.86
CA THR A 334 19.66 16.38 3.10
C THR A 334 20.09 17.85 3.02
N LYS A 335 19.64 18.51 1.96
CA LYS A 335 19.96 19.90 1.74
C LYS A 335 19.29 20.76 2.79
N GLU A 336 18.01 20.48 3.09
CA GLU A 336 17.27 21.28 4.08
C GLU A 336 17.86 21.17 5.48
N LEU A 337 18.25 19.97 5.89
CA LEU A 337 18.81 19.75 7.22
C LEU A 337 20.14 20.48 7.43
N THR A 338 20.99 20.42 6.41
CA THR A 338 22.25 21.15 6.38
C THR A 338 22.05 22.66 6.58
N ALA A 339 21.07 23.22 5.87
CA ALA A 339 20.76 24.65 5.90
C ALA A 339 20.24 25.06 7.27
N ILE A 340 19.26 24.31 7.78
CA ILE A 340 18.79 24.52 9.14
C ILE A 340 19.94 24.60 10.17
N PHE A 341 20.92 23.69 10.09
CA PHE A 341 22.03 23.63 11.06
C PHE A 341 23.03 24.78 10.90
N HIS A 342 23.31 25.17 9.66
CA HIS A 342 24.17 26.33 9.36
C HIS A 342 23.61 27.57 10.00
N LYS A 343 22.32 27.81 9.84
CA LYS A 343 21.67 28.91 10.56
C LYS A 343 21.92 28.82 12.08
N MET A 344 21.70 27.63 12.66
CA MET A 344 21.90 27.40 14.12
C MET A 344 23.33 27.65 14.59
N ASP A 345 24.29 27.26 13.76
CA ASP A 345 25.71 27.43 14.10
C ASP A 345 26.09 28.91 13.99
N LYS A 346 25.78 29.66 15.04
CA LYS A 346 26.02 31.11 15.10
C LYS A 346 27.51 31.48 15.02
N ASN A 347 28.33 30.77 15.79
CA ASN A 347 29.78 30.98 15.78
C ASN A 347 30.47 30.47 14.49
N GLY A 348 29.76 29.66 13.70
CA GLY A 348 30.23 29.26 12.38
C GLY A 348 31.36 28.24 12.34
N ASP A 349 31.62 27.55 13.46
CA ASP A 349 32.71 26.55 13.55
C ASP A 349 32.26 25.10 13.33
N GLY A 350 30.97 24.88 13.08
CA GLY A 350 30.42 23.53 12.82
C GLY A 350 30.05 22.72 14.06
N GLN A 351 30.05 23.37 15.21
CA GLN A 351 29.87 22.66 16.49
C GLN A 351 28.49 22.89 17.09
N LEU A 352 27.67 21.83 17.08
CA LEU A 352 26.36 21.83 17.72
C LEU A 352 26.29 20.71 18.77
N ASP A 353 25.45 20.89 19.77
CA ASP A 353 25.26 19.88 20.78
C ASP A 353 24.00 19.07 20.47
N ARG A 354 23.88 17.90 21.10
CA ARG A 354 22.77 16.98 20.88
C ARG A 354 21.44 17.72 20.96
N ALA A 355 21.33 18.64 21.92
CA ALA A 355 20.11 19.42 22.11
C ALA A 355 19.82 20.34 20.90
N GLU A 356 20.87 20.86 20.26
CA GLU A 356 20.71 21.66 19.05
C GLU A 356 20.36 20.73 17.88
N LEU A 357 21.13 19.65 17.73
CA LEU A 357 20.83 18.62 16.73
C LEU A 357 19.37 18.20 16.81
N ILE A 358 18.85 18.03 18.03
CA ILE A 358 17.44 17.68 18.23
C ILE A 358 16.53 18.82 17.79
N GLU A 359 16.92 20.04 18.12
CA GLU A 359 16.17 21.23 17.71
C GLU A 359 16.15 21.40 16.17
N GLY A 360 17.31 21.19 15.54
CA GLY A 360 17.42 21.22 14.08
C GLY A 360 16.61 20.13 13.39
N TYR A 361 16.68 18.91 13.93
CA TYR A 361 15.91 17.80 13.39
C TYR A 361 14.43 18.04 13.58
N LYS A 362 14.05 18.61 14.71
CA LYS A 362 12.65 18.98 14.96
C LYS A 362 12.16 19.99 13.94
N GLU A 363 12.99 20.98 13.62
CA GLU A 363 12.60 22.00 12.66
C GLU A 363 12.41 21.40 11.27
N LEU A 364 13.25 20.41 10.90
CA LEU A 364 13.04 19.69 9.65
C LEU A 364 11.67 19.02 9.61
N MET A 365 11.24 18.48 10.74
CA MET A 365 9.89 17.91 10.84
C MET A 365 8.81 18.99 10.87
N ARG A 366 9.11 20.17 11.41
CA ARG A 366 8.15 21.30 11.41
C ARG A 366 7.64 21.68 10.01
N MET A 367 8.39 21.31 8.98
CA MET A 367 8.09 21.72 7.61
C MET A 367 8.16 20.55 6.61
N LYS A 368 7.92 19.33 7.08
CA LYS A 368 8.02 18.11 6.24
C LYS A 368 7.19 17.00 6.89
N GLY A 369 6.56 16.15 6.06
CA GLY A 369 5.65 15.10 6.56
C GLY A 369 6.07 13.65 6.32
N GLN A 370 7.27 13.45 5.77
CA GLN A 370 7.71 12.11 5.34
C GLN A 370 8.09 11.17 6.51
N ASP A 371 8.34 11.76 7.69
CA ASP A 371 8.59 11.00 8.91
C ASP A 371 7.37 11.10 9.82
N ALA A 372 6.30 10.39 9.43
CA ALA A 372 5.15 10.15 10.29
C ALA A 372 5.56 9.26 11.49
N SER A 373 6.75 8.66 11.38
CA SER A 373 7.37 7.92 12.46
C SER A 373 7.90 8.85 13.56
N MET A 374 8.15 10.11 13.21
CA MET A 374 8.65 11.09 14.18
C MET A 374 7.47 11.88 14.75
N LEU A 375 6.59 11.18 15.47
CA LEU A 375 5.33 11.75 15.93
C LEU A 375 5.49 12.89 16.92
N ASP A 376 6.53 12.83 17.77
CA ASP A 376 6.74 13.88 18.77
C ASP A 376 8.20 14.08 19.14
N ALA A 377 8.46 15.04 20.04
CA ALA A 377 9.81 15.38 20.48
C ALA A 377 10.65 14.18 20.90
N SER A 378 10.00 13.19 21.52
CA SER A 378 10.72 12.05 22.09
C SER A 378 11.05 10.98 21.06
N ALA A 379 10.31 10.96 19.96
CA ALA A 379 10.64 10.09 18.84
C ALA A 379 11.90 10.61 18.14
N VAL A 380 12.13 11.91 18.24
CA VAL A 380 13.24 12.57 17.58
C VAL A 380 14.49 12.51 18.43
N GLU A 381 14.33 12.65 19.74
CA GLU A 381 15.47 12.48 20.66
C GLU A 381 16.09 11.09 20.51
N HIS A 382 15.24 10.07 20.44
CA HIS A 382 15.68 8.70 20.23
C HIS A 382 16.35 8.52 18.89
N GLU A 383 15.78 9.12 17.85
CA GLU A 383 16.30 8.93 16.49
C GLU A 383 17.66 9.66 16.32
N VAL A 384 17.87 10.74 17.07
CA VAL A 384 19.17 11.44 17.09
C VAL A 384 20.18 10.55 17.80
N ASP A 385 19.76 9.98 18.93
CA ASP A 385 20.60 9.04 19.68
C ASP A 385 21.05 7.83 18.84
N GLN A 386 20.14 7.27 18.04
CA GLN A 386 20.49 6.17 17.13
C GLN A 386 21.53 6.60 16.10
N VAL A 387 21.30 7.72 15.43
CA VAL A 387 22.30 8.24 14.52
C VAL A 387 23.63 8.46 15.25
N LEU A 388 23.57 9.17 16.38
CA LEU A 388 24.75 9.45 17.22
C LEU A 388 25.47 8.18 17.71
N ASP A 389 24.72 7.16 18.11
CA ASP A 389 25.30 5.90 18.57
C ASP A 389 25.70 5.00 17.39
N ALA A 390 25.97 5.61 16.25
CA ALA A 390 26.57 4.95 15.08
C ALA A 390 27.82 5.73 14.65
N VAL A 391 27.67 7.03 14.44
CA VAL A 391 28.80 7.96 14.19
C VAL A 391 29.90 7.89 15.26
N ASP A 392 29.58 7.26 16.40
CA ASP A 392 30.56 6.90 17.43
C ASP A 392 30.84 8.01 18.45
N PHE A 393 30.75 9.26 18.01
CA PHE A 393 31.07 10.41 18.87
C PHE A 393 30.11 10.55 20.04
N ASP A 394 30.61 11.18 21.11
CA ASP A 394 29.91 11.31 22.39
CA ASP A 394 29.88 11.26 22.37
C ASP A 394 28.72 12.27 22.32
N LYS A 395 27.60 11.87 22.91
CA LYS A 395 26.37 12.66 22.89
C LYS A 395 26.22 13.68 24.04
N ASN A 396 27.18 13.73 24.98
CA ASN A 396 27.16 14.74 26.05
C ASN A 396 28.14 15.90 25.80
N GLY A 397 28.79 15.89 24.63
CA GLY A 397 29.65 17.00 24.17
C GLY A 397 29.08 17.66 22.93
N TYR A 398 29.89 18.52 22.30
CA TYR A 398 29.53 19.17 21.02
C TYR A 398 29.89 18.30 19.79
N ILE A 399 29.15 18.47 18.70
CA ILE A 399 29.21 17.54 17.56
C ILE A 399 29.32 18.26 16.21
N GLU A 400 29.96 17.57 15.27
CA GLU A 400 30.16 18.05 13.90
C GLU A 400 28.96 17.70 13.03
N TYR A 401 27.97 18.60 12.97
CA TYR A 401 26.68 18.29 12.32
C TYR A 401 26.79 17.80 10.88
N SER A 402 27.85 18.20 10.19
CA SER A 402 28.12 17.71 8.84
C SER A 402 28.09 16.18 8.82
N GLU A 403 28.71 15.57 9.83
CA GLU A 403 28.80 14.12 9.93
C GLU A 403 27.43 13.53 10.24
N PHE A 404 26.77 14.09 11.25
CA PHE A 404 25.44 13.66 11.65
C PHE A 404 24.45 13.67 10.47
N VAL A 405 24.50 14.70 9.62
CA VAL A 405 23.58 14.81 8.48
C VAL A 405 23.76 13.64 7.51
N THR A 406 25.02 13.29 7.24
CA THR A 406 25.33 12.27 6.23
C THR A 406 24.92 10.86 6.66
N VAL A 407 24.74 10.62 7.96
CA VAL A 407 24.34 9.29 8.45
C VAL A 407 22.83 9.22 8.68
N ALA A 408 22.25 10.30 9.21
CA ALA A 408 20.80 10.36 9.50
C ALA A 408 19.97 9.94 8.29
N MET A 409 20.31 10.49 7.13
CA MET A 409 19.50 10.31 5.91
C MET A 409 19.66 8.90 5.32
N ASP A 410 20.89 8.40 5.26
CA ASP A 410 21.18 7.03 4.81
C ASP A 410 20.38 5.96 5.55
N ARG A 411 20.04 6.21 6.82
CA ARG A 411 19.14 5.33 7.57
C ARG A 411 17.74 5.38 6.95
N LYS A 412 17.66 5.93 5.75
CA LYS A 412 16.50 5.78 4.86
C LYS A 412 16.99 5.33 3.44
N THR A 413 18.15 5.83 3.01
CA THR A 413 18.83 5.38 1.77
C THR A 413 19.17 3.89 1.79
N LEU A 414 19.95 3.46 2.78
CA LEU A 414 20.28 2.05 2.96
C LEU A 414 19.00 1.27 3.27
N LEU A 415 18.20 1.81 4.18
CA LEU A 415 16.94 1.20 4.56
C LEU A 415 16.05 0.97 3.34
N SER A 416 15.95 1.95 2.46
CA SER A 416 15.12 1.79 1.25
C SER A 416 15.84 0.99 0.15
N ARG A 417 17.16 1.17 0.03
CA ARG A 417 17.96 0.36 -0.89
C ARG A 417 17.77 -1.14 -0.62
N GLU A 418 17.71 -1.51 0.65
CA GLU A 418 17.54 -2.92 1.05
C GLU A 418 16.14 -3.44 0.72
N ARG A 419 15.11 -2.59 0.83
CA ARG A 419 13.73 -3.03 0.58
C ARG A 419 13.46 -3.29 -0.91
N LEU A 420 14.17 -2.54 -1.77
CA LEU A 420 14.11 -2.76 -3.24
C LEU A 420 14.79 -4.07 -3.55
N GLU A 421 16.00 -4.25 -2.99
CA GLU A 421 16.78 -5.47 -3.19
C GLU A 421 15.96 -6.71 -2.92
N ARG A 422 15.24 -6.73 -1.80
CA ARG A 422 14.44 -7.90 -1.45
C ARG A 422 13.34 -8.20 -2.47
N ALA A 423 12.72 -7.18 -3.03
CA ALA A 423 11.65 -7.39 -4.03
C ALA A 423 12.20 -7.80 -5.39
N PHE A 424 13.43 -7.35 -5.67
CA PHE A 424 14.16 -7.85 -6.84
C PHE A 424 14.34 -9.37 -6.70
N ARG A 425 14.87 -9.80 -5.55
CA ARG A 425 15.10 -11.22 -5.26
C ARG A 425 13.80 -11.99 -5.33
N MET A 426 12.79 -11.50 -4.62
CA MET A 426 11.49 -12.14 -4.63
C MET A 426 11.00 -12.35 -6.08
N PHE A 427 11.13 -11.32 -6.91
CA PHE A 427 10.69 -11.39 -8.31
C PHE A 427 11.45 -12.40 -9.15
N ASP A 428 12.72 -12.60 -8.82
CA ASP A 428 13.62 -13.47 -9.57
C ASP A 428 13.51 -14.89 -9.01
N SER A 429 12.39 -15.55 -9.29
CA SER A 429 12.08 -16.86 -8.67
C SER A 429 13.04 -18.01 -9.06
N ASP A 430 13.72 -17.89 -10.19
CA ASP A 430 14.75 -18.86 -10.60
C ASP A 430 16.18 -18.59 -10.08
N ASN A 431 16.33 -17.55 -9.25
CA ASN A 431 17.62 -17.15 -8.72
C ASN A 431 18.69 -17.03 -9.78
N SER A 432 18.31 -16.45 -10.91
CA SER A 432 19.21 -16.28 -12.03
C SER A 432 20.08 -15.04 -11.85
N GLY A 433 19.64 -14.12 -10.99
CA GLY A 433 20.36 -12.87 -10.74
C GLY A 433 19.98 -11.75 -11.71
N LYS A 434 19.10 -12.05 -12.67
CA LYS A 434 18.81 -11.15 -13.77
C LYS A 434 17.31 -11.01 -14.03
N ILE A 435 16.94 -9.89 -14.67
CA ILE A 435 15.58 -9.59 -15.11
C ILE A 435 15.67 -9.33 -16.61
N SER A 436 14.86 -10.00 -17.42
CA SER A 436 14.94 -9.85 -18.87
C SER A 436 14.37 -8.52 -19.33
N SER A 437 14.65 -8.16 -20.58
CA SER A 437 14.04 -6.97 -21.18
C SER A 437 12.53 -7.03 -21.25
N THR A 438 12.00 -8.26 -21.41
CA THR A 438 10.56 -8.51 -21.48
C THR A 438 9.97 -8.24 -20.12
N GLU A 439 10.64 -8.73 -19.08
CA GLU A 439 10.21 -8.52 -17.70
C GLU A 439 10.28 -7.06 -17.27
N LEU A 440 11.34 -6.35 -17.67
CA LEU A 440 11.43 -4.88 -17.45
C LEU A 440 10.26 -4.16 -18.11
N ALA A 441 9.91 -4.51 -19.34
CA ALA A 441 8.74 -3.89 -20.00
C ALA A 441 7.50 -4.03 -19.14
N THR A 442 7.31 -5.21 -18.55
CA THR A 442 6.18 -5.50 -17.69
C THR A 442 6.23 -4.70 -16.39
N ILE A 443 7.41 -4.65 -15.75
CA ILE A 443 7.58 -3.88 -14.51
C ILE A 443 7.39 -2.38 -14.74
N PHE A 444 7.92 -1.88 -15.84
CA PHE A 444 7.76 -0.47 -16.17
C PHE A 444 6.39 -0.09 -16.71
N GLY A 445 5.68 -1.01 -17.34
CA GLY A 445 4.28 -0.78 -17.70
C GLY A 445 3.43 -0.57 -16.44
N VAL A 446 3.56 -1.47 -15.47
CA VAL A 446 2.83 -1.35 -14.21
C VAL A 446 3.26 -0.10 -13.41
N SER A 447 4.49 0.33 -13.60
CA SER A 447 5.04 1.49 -12.90
C SER A 447 4.76 2.80 -13.63
N ASP A 448 4.13 2.72 -14.81
CA ASP A 448 3.85 3.89 -15.64
C ASP A 448 5.07 4.71 -16.01
N VAL A 449 6.20 4.04 -16.24
CA VAL A 449 7.36 4.67 -16.81
C VAL A 449 7.33 4.43 -18.32
N ASP A 450 7.42 5.52 -19.07
CA ASP A 450 7.29 5.51 -20.52
C ASP A 450 8.30 4.57 -21.20
N SER A 451 7.81 3.78 -22.16
CA SER A 451 8.65 2.75 -22.78
C SER A 451 9.90 3.31 -23.41
N GLU A 452 9.77 4.42 -24.10
CA GLU A 452 10.92 5.07 -24.71
C GLU A 452 11.87 5.58 -23.63
N THR A 453 11.33 6.01 -22.48
CA THR A 453 12.14 6.60 -21.42
C THR A 453 13.02 5.55 -20.72
N TRP A 454 12.48 4.37 -20.45
CA TRP A 454 13.28 3.35 -19.76
C TRP A 454 14.21 2.61 -20.69
N LYS A 455 13.82 2.43 -21.94
CA LYS A 455 14.73 1.88 -22.95
C LYS A 455 15.93 2.82 -23.09
N SER A 456 15.66 4.10 -23.24
CA SER A 456 16.69 5.11 -23.27
C SER A 456 17.65 4.95 -22.09
N VAL A 457 17.10 4.80 -20.89
CA VAL A 457 17.90 4.63 -19.67
C VAL A 457 18.67 3.30 -19.66
N LEU A 458 18.00 2.22 -20.09
CA LEU A 458 18.64 0.91 -20.26
C LEU A 458 19.91 1.04 -21.10
N SER A 459 19.82 1.76 -22.21
CA SER A 459 20.97 1.96 -23.11
C SER A 459 22.15 2.61 -22.40
N GLU A 460 21.87 3.57 -21.53
CA GLU A 460 22.93 4.28 -20.80
C GLU A 460 23.65 3.41 -19.75
N VAL A 461 23.11 2.24 -19.42
CA VAL A 461 23.73 1.35 -18.43
C VAL A 461 24.09 -0.05 -18.99
N ASP A 462 23.19 -0.66 -19.79
CA ASP A 462 23.47 -1.94 -20.49
C ASP A 462 23.98 -1.69 -21.91
N LYS A 463 25.31 -1.66 -22.05
CA LYS A 463 26.00 -1.42 -23.33
C LYS A 463 26.46 -2.70 -24.04
N ASN A 464 25.99 -3.86 -23.57
CA ASN A 464 26.43 -5.15 -24.10
C ASN A 464 25.32 -5.87 -24.91
N ASN A 465 24.10 -5.33 -24.86
CA ASN A 465 22.93 -5.92 -25.51
C ASN A 465 22.59 -7.30 -24.94
N ASP A 466 22.78 -7.45 -23.63
CA ASP A 466 22.45 -8.70 -22.97
C ASP A 466 20.94 -8.93 -23.03
N GLY A 467 20.17 -7.83 -23.02
CA GLY A 467 18.73 -7.89 -22.89
C GLY A 467 18.33 -8.38 -21.50
N GLU A 468 19.15 -8.06 -20.51
CA GLU A 468 18.90 -8.42 -19.12
C GLU A 468 19.77 -7.55 -18.25
N VAL A 469 19.33 -7.30 -17.02
CA VAL A 469 20.05 -6.49 -16.04
C VAL A 469 20.10 -7.21 -14.71
N ASP A 470 21.18 -7.01 -13.97
CA ASP A 470 21.31 -7.55 -12.63
C ASP A 470 20.83 -6.49 -11.65
N PHE A 471 20.93 -6.76 -10.35
CA PHE A 471 20.36 -5.83 -9.38
C PHE A 471 20.95 -4.45 -9.44
N ASP A 472 22.27 -4.33 -9.41
CA ASP A 472 22.94 -3.02 -9.40
C ASP A 472 22.62 -2.22 -10.64
N GLU A 473 22.56 -2.90 -11.78
CA GLU A 473 22.14 -2.29 -13.04
C GLU A 473 20.71 -1.75 -12.97
N PHE A 474 19.78 -2.60 -12.55
CA PHE A 474 18.37 -2.24 -12.34
C PHE A 474 18.25 -1.06 -11.38
N GLN A 475 19.03 -1.08 -10.29
CA GLN A 475 19.10 0.06 -9.37
C GLN A 475 19.61 1.34 -10.04
N GLN A 476 20.66 1.24 -10.87
CA GLN A 476 21.18 2.38 -11.63
C GLN A 476 20.12 2.95 -12.58
N MET A 477 19.34 2.10 -13.24
CA MET A 477 18.25 2.60 -14.07
C MET A 477 17.28 3.48 -13.27
N LEU A 478 16.93 3.05 -12.08
CA LEU A 478 15.96 3.79 -11.25
C LEU A 478 16.53 5.11 -10.78
N LEU A 479 17.81 5.17 -10.45
CA LEU A 479 18.44 6.45 -10.08
C LEU A 479 18.42 7.41 -11.26
N LYS A 480 18.54 6.88 -12.47
CA LYS A 480 18.52 7.71 -13.67
C LYS A 480 17.10 8.12 -14.04
N LEU A 481 16.11 7.37 -13.60
CA LEU A 481 14.71 7.70 -13.82
C LEU A 481 14.15 8.67 -12.77
N CYS A 482 14.90 8.98 -11.74
CA CYS A 482 14.50 10.01 -10.79
C CYS A 482 15.59 11.07 -10.68
N GLY A 483 16.17 11.39 -11.84
CA GLY A 483 17.08 12.53 -12.01
C GLY A 483 18.40 12.42 -11.30
N ASN A 484 19.01 11.23 -11.31
CA ASN A 484 20.34 11.01 -10.73
C ASN A 484 21.21 10.14 -11.64
#